data_2Z6N
#
_entry.id   2Z6N
#
_cell.length_a   112.355
_cell.length_b   62.104
_cell.length_c   53.987
_cell.angle_alpha   90.00
_cell.angle_beta   110.22
_cell.angle_gamma   90.00
#
_symmetry.space_group_name_H-M   'C 1 2 1'
#
loop_
_entity.id
_entity.type
_entity.pdbx_description
1 polymer 'Hemoglobin D subunit alpha'
2 polymer 'Hemoglobin A/D subunit beta'
3 non-polymer 'PROTOPORPHYRIN IX CONTAINING FE'
4 non-polymer 'CARBON MONOXIDE'
5 water water
#
loop_
_entity_poly.entity_id
_entity_poly.type
_entity_poly.pdbx_seq_one_letter_code
_entity_poly.pdbx_strand_id
1 'polypeptide(L)'
;MLTEDDKQLIQHVWEKVLEHQEDFGAEALERMFIVYPSTKTYFPHFDLHHDSEQIRHHGKKVVGALGDAVKHIDNLSATL
SELSNLHAYNLRVDPVNFKLLSHCFQVVLGAHLGREYTPQVQVAYDKFLAAVSAVLAEKYR
;
A
2 'polypeptide(L)'
;VHWTSEEKQYITSLWAKVNVGEVGGEALARLLIVYPWTQRFFASFGNLSSANAILHNAKVLAHGQKVLTSFGEAVKNLDN
IKKTFAQLSELHCEKLHVDPENFKLLGNILIIVLATHFPKEFTPASQAAWTKLVNAVAHALALGYH
;
B
#
# COMPACT_ATOMS: atom_id res chain seq x y z
N MET A 1 13.04 -15.25 1.47
CA MET A 1 12.55 -14.88 2.82
C MET A 1 13.23 -13.60 3.32
N LEU A 2 13.05 -13.30 4.60
CA LEU A 2 13.67 -12.12 5.19
C LEU A 2 15.17 -12.30 5.34
N THR A 3 15.94 -11.34 4.84
CA THR A 3 17.39 -11.37 4.98
C THR A 3 17.79 -10.63 6.25
N GLU A 4 19.06 -10.72 6.62
CA GLU A 4 19.57 -10.00 7.79
C GLU A 4 19.46 -8.50 7.59
N ASP A 5 19.68 -8.05 6.35
CA ASP A 5 19.52 -6.65 6.02
C ASP A 5 18.06 -6.21 6.16
N ASP A 6 17.14 -7.05 5.72
CA ASP A 6 15.71 -6.79 5.91
C ASP A 6 15.41 -6.60 7.39
N LYS A 7 15.94 -7.50 8.22
CA LYS A 7 15.64 -7.46 9.64
C LYS A 7 16.21 -6.20 10.29
N GLN A 8 17.39 -5.79 9.85
CA GLN A 8 17.99 -4.57 10.38
C GLN A 8 17.20 -3.34 9.97
N LEU A 9 16.74 -3.29 8.71
CA LEU A 9 15.92 -2.18 8.26
C LEU A 9 14.62 -2.14 9.05
N ILE A 10 14.06 -3.31 9.34
CA ILE A 10 12.81 -3.38 10.09
C ILE A 10 12.96 -2.87 11.53
N GLN A 11 13.98 -3.36 12.24
CA GLN A 11 14.18 -2.96 13.63
C GLN A 11 14.44 -1.46 13.76
N HIS A 12 15.19 -0.89 12.82
CA HIS A 12 15.49 0.54 12.86
C HIS A 12 14.21 1.37 12.78
N VAL A 13 13.30 0.98 11.90
CA VAL A 13 12.02 1.66 11.80
C VAL A 13 11.14 1.33 13.01
N TRP A 14 11.23 0.10 13.48
CA TRP A 14 10.35 -0.34 14.57
C TRP A 14 10.60 0.34 15.91
N GLU A 15 11.85 0.54 16.30
CA GLU A 15 12.09 1.12 17.61
C GLU A 15 11.46 2.51 17.71
N LYS A 16 11.23 3.14 16.57
CA LYS A 16 10.45 4.36 16.53
C LYS A 16 8.96 4.08 16.74
N VAL A 17 8.47 3.02 16.12
CA VAL A 17 7.06 2.67 16.27
C VAL A 17 6.75 2.38 17.74
N LEU A 18 7.66 1.66 18.40
CA LEU A 18 7.47 1.25 19.79
C LEU A 18 7.37 2.45 20.73
N GLU A 19 7.88 3.60 20.29
CA GLU A 19 7.80 4.82 21.08
C GLU A 19 6.38 5.37 21.10
N HIS A 20 5.64 5.14 20.02
CA HIS A 20 4.27 5.63 19.93
C HIS A 20 3.31 4.52 19.51
N GLN A 21 3.34 3.39 20.21
CA GLN A 21 2.54 2.22 19.84
C GLN A 21 1.07 2.56 19.63
N GLU A 22 0.54 3.41 20.50
CA GLU A 22 -0.89 3.72 20.47
C GLU A 22 -1.24 4.62 19.29
N ASP A 23 -0.43 5.65 19.05
CA ASP A 23 -0.65 6.54 17.92
C ASP A 23 -0.60 5.78 16.60
N PHE A 24 0.44 4.98 16.42
CA PHE A 24 0.66 4.29 15.16
C PHE A 24 -0.46 3.30 14.86
N GLY A 25 -0.82 2.52 15.86
CA GLY A 25 -1.83 1.48 15.67
C GLY A 25 -3.19 2.07 15.40
N ALA A 26 -3.55 3.11 16.14
CA ALA A 26 -4.82 3.79 15.93
C ALA A 26 -4.87 4.43 14.54
N GLU A 27 -3.76 4.99 14.08
CA GLU A 27 -3.77 5.61 12.77
C GLU A 27 -3.92 4.57 11.66
N ALA A 28 -3.28 3.42 11.82
CA ALA A 28 -3.40 2.35 10.84
C ALA A 28 -4.84 1.85 10.78
N LEU A 29 -5.44 1.67 11.94
CA LEU A 29 -6.81 1.16 12.01
C LEU A 29 -7.81 2.14 11.40
N GLU A 30 -7.65 3.42 11.69
CA GLU A 30 -8.57 4.42 11.17
C GLU A 30 -8.43 4.63 9.67
N ARG A 31 -7.22 4.50 9.14
CA ARG A 31 -7.06 4.55 7.70
C ARG A 31 -7.77 3.36 7.07
N MET A 32 -7.68 2.19 7.71
CA MET A 32 -8.38 1.01 7.19
C MET A 32 -9.90 1.24 7.24
N PHE A 33 -10.40 1.69 8.39
CA PHE A 33 -11.83 1.93 8.55
C PHE A 33 -12.38 2.97 7.57
N ILE A 34 -11.60 4.02 7.33
CA ILE A 34 -12.07 5.12 6.48
C ILE A 34 -11.89 4.77 5.00
N VAL A 35 -10.75 4.21 4.66
CA VAL A 35 -10.48 3.87 3.27
C VAL A 35 -11.22 2.60 2.83
N TYR A 36 -11.35 1.64 3.72
CA TYR A 36 -12.02 0.38 3.41
C TYR A 36 -13.15 0.11 4.41
N PRO A 37 -14.22 0.91 4.34
CA PRO A 37 -15.28 0.90 5.36
C PRO A 37 -15.93 -0.45 5.66
N SER A 38 -15.82 -1.41 4.73
CA SER A 38 -16.38 -2.73 5.00
C SER A 38 -15.68 -3.41 6.17
N THR A 39 -14.43 -3.04 6.43
CA THR A 39 -13.70 -3.62 7.55
C THR A 39 -14.30 -3.21 8.90
N LYS A 40 -15.04 -2.11 8.91
CA LYS A 40 -15.68 -1.62 10.13
C LYS A 40 -16.68 -2.61 10.70
N THR A 41 -17.22 -3.50 9.87
CA THR A 41 -18.23 -4.42 10.35
C THR A 41 -17.68 -5.50 11.28
N TYR A 42 -16.36 -5.57 11.39
CA TYR A 42 -15.72 -6.49 12.33
C TYR A 42 -15.70 -5.89 13.72
N PHE A 43 -16.02 -4.60 13.82
CA PHE A 43 -15.91 -3.89 15.09
C PHE A 43 -17.22 -3.20 15.49
N PRO A 44 -18.35 -3.91 15.42
CA PRO A 44 -19.63 -3.25 15.75
C PRO A 44 -19.67 -2.83 17.21
N HIS A 45 -18.90 -3.51 18.05
CA HIS A 45 -18.87 -3.20 19.48
C HIS A 45 -17.96 -2.00 19.81
N PHE A 46 -17.21 -1.53 18.82
CA PHE A 46 -16.34 -0.37 19.00
C PHE A 46 -17.03 0.96 18.68
N ASP A 47 -16.72 1.97 19.47
CA ASP A 47 -16.97 3.34 19.08
C ASP A 47 -15.85 3.61 18.07
N LEU A 48 -16.22 3.91 16.83
CA LEU A 48 -15.23 4.09 15.77
C LEU A 48 -14.98 5.56 15.42
N HIS A 49 -15.42 6.46 16.28
CA HIS A 49 -15.09 7.89 16.11
C HIS A 49 -13.58 8.05 16.30
N HIS A 50 -13.01 9.04 15.62
CA HIS A 50 -11.58 9.33 15.70
C HIS A 50 -11.06 9.38 17.15
N ASP A 51 -9.97 8.66 17.40
CA ASP A 51 -9.30 8.67 18.69
C ASP A 51 -10.10 8.10 19.86
N SER A 52 -11.12 7.30 19.56
CA SER A 52 -11.90 6.66 20.61
C SER A 52 -10.98 5.81 21.48
N GLU A 53 -11.34 5.66 22.75
CA GLU A 53 -10.52 4.84 23.65
C GLU A 53 -10.34 3.42 23.10
N GLN A 54 -11.40 2.88 22.50
CA GLN A 54 -11.35 1.51 22.01
C GLN A 54 -10.39 1.36 20.83
N ILE A 55 -10.39 2.35 19.94
CA ILE A 55 -9.49 2.35 18.80
C ILE A 55 -8.03 2.49 19.24
N ARG A 56 -7.76 3.41 20.16
CA ARG A 56 -6.40 3.60 20.62
C ARG A 56 -5.87 2.41 21.41
N HIS A 57 -6.69 1.84 22.30
CA HIS A 57 -6.26 0.69 23.08
C HIS A 57 -6.03 -0.52 22.19
N HIS A 58 -6.89 -0.67 21.19
CA HIS A 58 -6.74 -1.79 20.27
C HIS A 58 -5.55 -1.57 19.35
N GLY A 59 -5.35 -0.32 18.93
CA GLY A 59 -4.20 0.01 18.11
C GLY A 59 -2.91 -0.42 18.78
N LYS A 60 -2.78 -0.14 20.07
CA LYS A 60 -1.58 -0.49 20.79
C LYS A 60 -1.38 -2.00 20.85
N LYS A 61 -2.48 -2.73 20.98
CA LYS A 61 -2.39 -4.19 21.02
C LYS A 61 -1.92 -4.72 19.68
N VAL A 62 -2.44 -4.15 18.60
CA VAL A 62 -2.04 -4.61 17.26
C VAL A 62 -0.54 -4.37 17.05
N VAL A 63 -0.09 -3.16 17.37
CA VAL A 63 1.33 -2.85 17.25
C VAL A 63 2.17 -3.73 18.17
N GLY A 64 1.65 -3.98 19.37
CA GLY A 64 2.36 -4.85 20.29
C GLY A 64 2.53 -6.25 19.74
N ALA A 65 1.50 -6.78 19.10
CA ALA A 65 1.58 -8.10 18.50
C ALA A 65 2.58 -8.13 17.36
N LEU A 66 2.61 -7.05 16.57
CA LEU A 66 3.56 -6.96 15.46
C LEU A 66 4.98 -6.88 16.03
N GLY A 67 5.14 -6.16 17.14
CA GLY A 67 6.42 -6.09 17.80
C GLY A 67 6.90 -7.44 18.29
N ASP A 68 5.97 -8.26 18.78
CA ASP A 68 6.30 -9.63 19.19
C ASP A 68 6.76 -10.43 17.99
N ALA A 69 6.09 -10.22 16.85
CA ALA A 69 6.44 -10.92 15.63
C ALA A 69 7.84 -10.54 15.17
N VAL A 70 8.18 -9.26 15.32
CA VAL A 70 9.52 -8.80 14.96
C VAL A 70 10.58 -9.55 15.77
N LYS A 71 10.35 -9.68 17.07
CA LYS A 71 11.29 -10.37 17.94
C LYS A 71 11.45 -11.84 17.55
N HIS A 72 10.33 -12.50 17.27
CA HIS A 72 10.34 -13.92 16.96
C HIS A 72 10.08 -14.20 15.47
N ILE A 73 10.71 -13.41 14.61
CA ILE A 73 10.50 -13.51 13.18
C ILE A 73 10.76 -14.91 12.63
N ASP A 74 11.67 -15.65 13.26
CA ASP A 74 12.02 -16.99 12.80
C ASP A 74 11.12 -18.07 13.39
N ASN A 75 10.16 -17.66 14.21
CA ASN A 75 9.26 -18.61 14.85
C ASN A 75 7.84 -18.01 14.88
N LEU A 76 7.39 -17.53 13.73
CA LEU A 76 6.13 -16.79 13.63
C LEU A 76 4.88 -17.60 13.95
N SER A 77 4.75 -18.77 13.33
CA SER A 77 3.56 -19.59 13.50
C SER A 77 3.29 -19.87 14.97
N ALA A 78 4.34 -20.30 15.68
CA ALA A 78 4.23 -20.62 17.09
C ALA A 78 3.89 -19.40 17.91
N THR A 79 4.60 -18.30 17.64
CA THR A 79 4.45 -17.08 18.44
C THR A 79 3.05 -16.47 18.30
N LEU A 80 2.45 -16.63 17.14
CA LEU A 80 1.15 -16.00 16.85
C LEU A 80 0.02 -17.03 16.89
N SER A 81 0.33 -18.22 17.40
CA SER A 81 -0.61 -19.33 17.36
C SER A 81 -1.98 -18.97 17.91
N GLU A 82 -2.00 -18.40 19.11
CA GLU A 82 -3.27 -18.02 19.74
C GLU A 82 -4.00 -16.97 18.91
N LEU A 83 -3.26 -16.00 18.38
CA LEU A 83 -3.86 -14.97 17.54
C LEU A 83 -4.40 -15.54 16.24
N SER A 84 -3.71 -16.54 15.70
CA SER A 84 -4.16 -17.20 14.47
C SER A 84 -5.51 -17.89 14.67
N ASN A 85 -5.65 -18.59 15.80
CA ASN A 85 -6.89 -19.27 16.10
C ASN A 85 -8.00 -18.24 16.32
N LEU A 86 -7.62 -17.11 16.90
CA LEU A 86 -8.59 -16.05 17.19
C LEU A 86 -9.17 -15.47 15.91
N HIS A 87 -8.29 -15.10 14.99
CA HIS A 87 -8.76 -14.41 13.78
C HIS A 87 -9.45 -15.35 12.79
N ALA A 88 -9.07 -16.62 12.79
CA ALA A 88 -9.69 -17.59 11.89
C ALA A 88 -10.95 -18.24 12.47
N TYR A 89 -10.80 -18.83 13.66
CA TYR A 89 -11.90 -19.60 14.24
C TYR A 89 -12.96 -18.73 14.88
N ASN A 90 -12.52 -17.70 15.58
CA ASN A 90 -13.43 -16.85 16.35
C ASN A 90 -13.97 -15.67 15.55
N LEU A 91 -13.08 -14.93 14.91
CA LEU A 91 -13.44 -13.69 14.23
C LEU A 91 -13.75 -13.90 12.76
N ARG A 92 -13.29 -15.03 12.22
CA ARG A 92 -13.46 -15.36 10.81
C ARG A 92 -13.10 -14.21 9.88
N VAL A 93 -11.91 -13.64 10.08
CA VAL A 93 -11.46 -12.54 9.26
C VAL A 93 -11.12 -12.98 7.84
N ASP A 94 -11.71 -12.30 6.87
CA ASP A 94 -11.46 -12.55 5.45
C ASP A 94 -9.99 -12.24 5.18
N PRO A 95 -9.23 -13.18 4.59
CA PRO A 95 -7.80 -12.97 4.36
C PRO A 95 -7.48 -11.68 3.61
N VAL A 96 -8.39 -11.22 2.76
CA VAL A 96 -8.12 -10.00 2.02
C VAL A 96 -7.91 -8.83 2.97
N ASN A 97 -8.54 -8.88 4.14
CA ASN A 97 -8.43 -7.79 5.09
C ASN A 97 -7.08 -7.67 5.76
N PHE A 98 -6.36 -8.79 5.89
CA PHE A 98 -5.02 -8.74 6.44
C PHE A 98 -4.13 -7.90 5.52
N LYS A 99 -4.39 -8.02 4.21
CA LYS A 99 -3.64 -7.24 3.24
C LYS A 99 -4.01 -5.76 3.32
N LEU A 100 -5.28 -5.47 3.58
CA LEU A 100 -5.73 -4.09 3.70
C LEU A 100 -5.08 -3.41 4.90
N LEU A 101 -5.05 -4.08 6.04
CA LEU A 101 -4.45 -3.48 7.23
C LEU A 101 -2.93 -3.37 7.07
N SER A 102 -2.32 -4.39 6.47
CA SER A 102 -0.90 -4.36 6.20
C SER A 102 -0.57 -3.13 5.34
N HIS A 103 -1.35 -2.93 4.29
CA HIS A 103 -1.16 -1.79 3.40
C HIS A 103 -1.30 -0.48 4.18
N CYS A 104 -2.35 -0.38 4.98
CA CYS A 104 -2.56 0.85 5.73
C CYS A 104 -1.44 1.11 6.73
N PHE A 105 -0.87 0.04 7.30
CA PHE A 105 0.25 0.20 8.19
C PHE A 105 1.44 0.78 7.42
N GLN A 106 1.66 0.30 6.21
CA GLN A 106 2.74 0.86 5.39
C GLN A 106 2.52 2.34 5.08
N VAL A 107 1.27 2.75 4.87
CA VAL A 107 0.97 4.15 4.62
C VAL A 107 1.34 4.98 5.84
N VAL A 108 0.99 4.48 7.03
CA VAL A 108 1.36 5.15 8.27
C VAL A 108 2.88 5.26 8.39
N LEU A 109 3.59 4.19 8.08
CA LEU A 109 5.05 4.21 8.12
C LEU A 109 5.61 5.22 7.12
N GLY A 110 5.06 5.21 5.91
CA GLY A 110 5.53 6.14 4.90
C GLY A 110 5.33 7.58 5.33
N ALA A 111 4.18 7.86 5.92
CA ALA A 111 3.83 9.21 6.35
C ALA A 111 4.78 9.70 7.44
N HIS A 112 5.16 8.81 8.34
CA HIS A 112 5.99 9.18 9.47
C HIS A 112 7.48 9.19 9.16
N LEU A 113 7.90 8.39 8.19
CA LEU A 113 9.32 8.30 7.85
C LEU A 113 9.67 9.21 6.67
N GLY A 114 8.68 9.56 5.86
CA GLY A 114 8.95 10.33 4.67
C GLY A 114 10.05 9.71 3.82
N ARG A 115 11.07 10.51 3.56
CA ARG A 115 12.22 10.13 2.74
C ARG A 115 12.87 8.81 3.17
N GLU A 116 12.81 8.50 4.45
CA GLU A 116 13.48 7.31 4.96
C GLU A 116 12.72 6.01 4.67
N TYR A 117 11.47 6.12 4.24
CA TYR A 117 10.76 4.92 3.82
C TYR A 117 11.15 4.64 2.37
N THR A 118 12.37 4.12 2.21
CA THR A 118 12.96 3.81 0.92
C THR A 118 12.34 2.54 0.33
N PRO A 119 12.63 2.25 -0.94
CA PRO A 119 12.15 1.01 -1.53
C PRO A 119 12.64 -0.21 -0.74
N GLN A 120 13.88 -0.14 -0.26
CA GLN A 120 14.46 -1.24 0.51
C GLN A 120 13.69 -1.45 1.82
N VAL A 121 13.33 -0.36 2.47
CA VAL A 121 12.53 -0.45 3.67
C VAL A 121 11.14 -1.00 3.37
N GLN A 122 10.53 -0.52 2.28
CA GLN A 122 9.18 -0.98 1.93
C GLN A 122 9.18 -2.48 1.64
N VAL A 123 10.17 -2.93 0.89
CA VAL A 123 10.28 -4.36 0.60
C VAL A 123 10.37 -5.16 1.89
N ALA A 124 11.22 -4.71 2.80
CA ALA A 124 11.41 -5.40 4.07
C ALA A 124 10.10 -5.52 4.82
N TYR A 125 9.38 -4.41 4.95
CA TYR A 125 8.11 -4.44 5.65
C TYR A 125 7.02 -5.19 4.89
N ASP A 126 7.08 -5.14 3.56
CA ASP A 126 6.10 -5.90 2.80
C ASP A 126 6.27 -7.39 3.05
N LYS A 127 7.52 -7.86 3.01
CA LYS A 127 7.80 -9.27 3.30
C LYS A 127 7.39 -9.64 4.73
N PHE A 128 7.69 -8.77 5.67
CA PHE A 128 7.35 -9.00 7.08
C PHE A 128 5.84 -9.07 7.27
N LEU A 129 5.12 -8.07 6.77
CA LEU A 129 3.68 -8.01 6.97
C LEU A 129 2.95 -9.15 6.25
N ALA A 130 3.47 -9.53 5.09
CA ALA A 130 2.91 -10.67 4.36
C ALA A 130 3.11 -11.98 5.14
N ALA A 131 4.27 -12.11 5.79
CA ALA A 131 4.57 -13.30 6.57
C ALA A 131 3.63 -13.41 7.77
N VAL A 132 3.43 -12.29 8.45
CA VAL A 132 2.50 -12.23 9.58
C VAL A 132 1.07 -12.52 9.13
N SER A 133 0.69 -11.99 7.97
CA SER A 133 -0.66 -12.18 7.47
C SER A 133 -0.91 -13.65 7.13
N ALA A 134 0.07 -14.28 6.48
CA ALA A 134 0.00 -15.70 6.16
C ALA A 134 -0.27 -16.54 7.41
N VAL A 135 0.43 -16.24 8.49
CA VAL A 135 0.26 -16.98 9.73
C VAL A 135 -1.11 -16.79 10.36
N LEU A 136 -1.59 -15.55 10.39
CA LEU A 136 -2.89 -15.26 10.99
C LEU A 136 -4.02 -15.91 10.21
N ALA A 137 -3.72 -16.39 9.00
CA ALA A 137 -4.72 -17.02 8.15
C ALA A 137 -4.51 -18.53 7.99
N GLU A 138 -3.38 -19.03 8.49
CA GLU A 138 -2.97 -20.39 8.17
C GLU A 138 -3.94 -21.45 8.70
N LYS A 139 -4.81 -21.05 9.63
CA LYS A 139 -5.80 -21.96 10.17
C LYS A 139 -6.95 -22.18 9.18
N TYR A 140 -6.96 -21.42 8.08
CA TYR A 140 -7.93 -21.63 7.01
C TYR A 140 -7.46 -22.72 6.06
N ARG A 141 -6.17 -23.04 6.11
CA ARG A 141 -5.61 -24.06 5.24
C ARG A 141 -5.03 -25.20 6.06
N VAL B 1 -17.54 8.25 -11.54
CA VAL B 1 -17.91 7.28 -10.47
C VAL B 1 -18.47 8.03 -9.25
N HIS B 2 -19.25 9.07 -9.53
CA HIS B 2 -19.84 9.95 -8.52
C HIS B 2 -18.87 10.49 -7.48
N TRP B 3 -17.97 11.37 -7.92
CA TRP B 3 -17.03 12.03 -7.02
C TRP B 3 -17.71 13.16 -6.25
N THR B 4 -17.43 13.26 -4.96
CA THR B 4 -17.92 14.39 -4.17
C THR B 4 -16.96 15.54 -4.43
N SER B 5 -17.45 16.77 -4.29
CA SER B 5 -16.61 17.94 -4.50
C SER B 5 -15.41 17.88 -3.57
N GLU B 6 -15.58 17.27 -2.40
CA GLU B 6 -14.50 17.18 -1.43
C GLU B 6 -13.42 16.21 -1.91
N GLU B 7 -13.83 15.11 -2.52
CA GLU B 7 -12.88 14.13 -3.04
C GLU B 7 -12.07 14.75 -4.17
N LYS B 8 -12.77 15.39 -5.10
CA LYS B 8 -12.11 16.05 -6.23
C LYS B 8 -11.07 17.04 -5.75
N GLN B 9 -11.36 17.71 -4.63
CA GLN B 9 -10.43 18.69 -4.08
C GLN B 9 -9.21 18.05 -3.45
N TYR B 10 -9.41 16.91 -2.77
CA TYR B 10 -8.29 16.16 -2.21
C TYR B 10 -7.33 15.73 -3.33
N ILE B 11 -7.90 15.38 -4.47
CA ILE B 11 -7.12 14.91 -5.60
C ILE B 11 -6.42 16.05 -6.33
N THR B 12 -7.19 17.01 -6.87
CA THR B 12 -6.58 18.10 -7.63
C THR B 12 -5.62 18.93 -6.79
N SER B 13 -5.97 19.14 -5.52
CA SER B 13 -5.13 19.94 -4.63
C SER B 13 -3.75 19.32 -4.43
N LEU B 14 -3.72 18.02 -4.12
CA LEU B 14 -2.46 17.32 -3.89
C LEU B 14 -1.64 17.18 -5.18
N TRP B 15 -2.30 16.84 -6.27
CA TRP B 15 -1.62 16.61 -7.54
C TRP B 15 -0.87 17.85 -8.02
N ALA B 16 -1.43 19.03 -7.76
CA ALA B 16 -0.81 20.27 -8.19
C ALA B 16 0.59 20.43 -7.56
N LYS B 17 0.84 19.73 -6.47
CA LYS B 17 2.11 19.84 -5.76
C LYS B 17 3.05 18.68 -6.10
N VAL B 18 2.52 17.71 -6.81
CA VAL B 18 3.28 16.50 -7.11
C VAL B 18 4.42 16.70 -8.09
N ASN B 19 5.59 16.19 -7.71
CA ASN B 19 6.72 16.14 -8.63
C ASN B 19 6.51 14.85 -9.42
N VAL B 20 5.95 14.98 -10.62
CA VAL B 20 5.54 13.83 -11.42
C VAL B 20 6.71 12.93 -11.78
N GLY B 21 7.81 13.53 -12.19
CA GLY B 21 9.01 12.76 -12.48
C GLY B 21 9.54 12.00 -11.28
N GLU B 22 9.53 12.64 -10.11
CA GLU B 22 10.07 12.00 -8.92
C GLU B 22 9.14 10.90 -8.42
N VAL B 23 7.87 11.23 -8.23
CA VAL B 23 6.89 10.27 -7.76
C VAL B 23 6.72 9.13 -8.75
N GLY B 24 6.83 9.45 -10.03
CA GLY B 24 6.70 8.43 -11.06
C GLY B 24 7.86 7.46 -11.08
N GLY B 25 9.08 7.97 -10.95
CA GLY B 25 10.25 7.13 -10.87
C GLY B 25 10.19 6.22 -9.65
N GLU B 26 9.73 6.77 -8.54
CA GLU B 26 9.64 6.02 -7.30
C GLU B 26 8.62 4.90 -7.40
N ALA B 27 7.46 5.21 -7.96
CA ALA B 27 6.38 4.23 -8.05
C ALA B 27 6.80 3.04 -8.91
N LEU B 28 7.41 3.31 -10.05
CA LEU B 28 7.79 2.25 -10.96
C LEU B 28 8.96 1.44 -10.41
N ALA B 29 9.95 2.12 -9.82
CA ALA B 29 11.07 1.42 -9.22
C ALA B 29 10.57 0.50 -8.10
N ARG B 30 9.66 1.02 -7.28
CA ARG B 30 9.12 0.21 -6.19
C ARG B 30 8.28 -0.96 -6.70
N LEU B 31 7.58 -0.79 -7.83
CA LEU B 31 6.82 -1.90 -8.40
C LEU B 31 7.79 -3.03 -8.75
N LEU B 32 8.85 -2.68 -9.47
CA LEU B 32 9.85 -3.65 -9.91
C LEU B 32 10.61 -4.30 -8.76
N ILE B 33 10.85 -3.53 -7.70
CA ILE B 33 11.58 -4.06 -6.54
C ILE B 33 10.70 -4.87 -5.59
N VAL B 34 9.51 -4.36 -5.28
CA VAL B 34 8.63 -5.02 -4.31
C VAL B 34 7.90 -6.24 -4.90
N TYR B 35 7.59 -6.18 -6.19
CA TYR B 35 6.90 -7.26 -6.87
C TYR B 35 7.73 -7.67 -8.09
N PRO B 36 8.82 -8.42 -7.87
CA PRO B 36 9.86 -8.68 -8.87
C PRO B 36 9.39 -9.35 -10.18
N TRP B 37 8.30 -10.11 -10.15
CA TRP B 37 7.79 -10.70 -11.38
C TRP B 37 7.40 -9.65 -12.42
N THR B 38 7.10 -8.44 -11.98
CA THR B 38 6.71 -7.39 -12.92
C THR B 38 7.87 -7.01 -13.84
N GLN B 39 9.08 -7.37 -13.45
CA GLN B 39 10.27 -7.12 -14.27
C GLN B 39 10.18 -7.87 -15.60
N ARG B 40 9.34 -8.91 -15.63
CA ARG B 40 9.16 -9.69 -16.86
C ARG B 40 8.81 -8.79 -18.04
N PHE B 41 8.07 -7.73 -17.76
CA PHE B 41 7.53 -6.87 -18.81
C PHE B 41 8.50 -5.77 -19.27
N PHE B 42 9.69 -5.73 -18.67
CA PHE B 42 10.63 -4.65 -18.95
C PHE B 42 12.02 -5.13 -19.35
N ALA B 43 12.06 -6.22 -20.10
CA ALA B 43 13.32 -6.81 -20.52
C ALA B 43 14.20 -5.82 -21.27
N SER B 44 13.60 -4.88 -21.98
CA SER B 44 14.36 -3.96 -22.82
C SER B 44 15.00 -2.82 -22.03
N PHE B 45 14.68 -2.74 -20.74
CA PHE B 45 15.13 -1.62 -19.92
C PHE B 45 16.56 -1.77 -19.40
N GLY B 46 17.22 -2.88 -19.72
CA GLY B 46 18.59 -3.05 -19.26
C GLY B 46 18.68 -3.56 -17.83
N ASN B 47 19.76 -3.21 -17.14
CA ASN B 47 20.06 -3.80 -15.84
C ASN B 47 18.99 -3.52 -14.77
N LEU B 48 18.35 -4.58 -14.31
CA LEU B 48 17.36 -4.49 -13.23
C LEU B 48 17.72 -5.49 -12.14
N SER B 49 19.01 -5.81 -12.04
CA SER B 49 19.45 -6.97 -11.29
C SER B 49 19.48 -6.78 -9.78
N SER B 50 19.22 -5.57 -9.31
CA SER B 50 19.19 -5.28 -7.88
C SER B 50 18.35 -4.04 -7.63
N ALA B 51 18.01 -3.80 -6.36
CA ALA B 51 17.19 -2.64 -6.03
C ALA B 51 17.95 -1.37 -6.42
N ASN B 52 19.24 -1.34 -6.16
CA ASN B 52 20.01 -0.15 -6.46
C ASN B 52 20.19 0.05 -7.95
N ALA B 53 20.33 -1.04 -8.69
CA ALA B 53 20.41 -0.94 -10.15
C ALA B 53 19.10 -0.40 -10.70
N ILE B 54 17.98 -0.87 -10.15
CA ILE B 54 16.68 -0.42 -10.63
C ILE B 54 16.46 1.06 -10.37
N LEU B 55 16.83 1.52 -9.18
CA LEU B 55 16.64 2.92 -8.80
C LEU B 55 17.53 3.87 -9.60
N HIS B 56 18.59 3.34 -10.21
CA HIS B 56 19.50 4.14 -11.01
C HIS B 56 19.27 3.91 -12.50
N ASN B 57 18.23 3.16 -12.83
CA ASN B 57 17.93 2.85 -14.22
C ASN B 57 17.18 4.00 -14.87
N ALA B 58 17.83 4.67 -15.82
CA ALA B 58 17.26 5.84 -16.47
C ALA B 58 15.91 5.58 -17.14
N LYS B 59 15.74 4.43 -17.78
CA LYS B 59 14.50 4.20 -18.50
C LYS B 59 13.36 3.85 -17.55
N VAL B 60 13.68 3.16 -16.46
CA VAL B 60 12.68 2.91 -15.43
C VAL B 60 12.14 4.26 -14.95
N LEU B 61 13.05 5.19 -14.65
CA LEU B 61 12.66 6.50 -14.15
C LEU B 61 11.84 7.30 -15.17
N ALA B 62 12.28 7.27 -16.42
CA ALA B 62 11.59 8.00 -17.49
C ALA B 62 10.21 7.39 -17.72
N HIS B 63 10.15 6.07 -17.70
CA HIS B 63 8.89 5.38 -17.88
C HIS B 63 7.92 5.66 -16.73
N GLY B 64 8.44 5.69 -15.52
CA GLY B 64 7.60 6.00 -14.38
C GLY B 64 7.01 7.39 -14.51
N GLN B 65 7.79 8.32 -15.07
CA GLN B 65 7.31 9.67 -15.29
C GLN B 65 6.14 9.69 -16.27
N LYS B 66 6.24 8.88 -17.32
CA LYS B 66 5.15 8.80 -18.29
C LYS B 66 3.91 8.15 -17.69
N VAL B 67 4.12 7.18 -16.80
CA VAL B 67 3.00 6.51 -16.15
C VAL B 67 2.27 7.45 -15.20
N LEU B 68 3.01 8.21 -14.43
CA LEU B 68 2.37 9.14 -13.50
C LEU B 68 1.74 10.32 -14.27
N THR B 69 2.31 10.66 -15.41
CA THR B 69 1.71 11.66 -16.29
C THR B 69 0.33 11.14 -16.73
N SER B 70 0.27 9.84 -17.01
CA SER B 70 -0.98 9.20 -17.40
C SER B 70 -2.02 9.30 -16.29
N PHE B 71 -1.60 9.02 -15.05
CA PHE B 71 -2.50 9.19 -13.90
C PHE B 71 -3.00 10.63 -13.84
N GLY B 72 -2.15 11.57 -14.25
CA GLY B 72 -2.54 12.97 -14.26
C GLY B 72 -3.73 13.21 -15.17
N GLU B 73 -3.83 12.44 -16.23
CA GLU B 73 -4.96 12.56 -17.15
C GLU B 73 -6.26 12.05 -16.53
N ALA B 74 -6.15 11.26 -15.47
CA ALA B 74 -7.33 10.85 -14.70
C ALA B 74 -7.71 11.99 -13.75
N VAL B 75 -6.72 12.54 -13.07
CA VAL B 75 -6.92 13.69 -12.18
C VAL B 75 -7.57 14.84 -12.93
N LYS B 76 -7.12 15.08 -14.15
CA LYS B 76 -7.61 16.22 -14.92
C LYS B 76 -9.01 16.05 -15.52
N ASN B 77 -9.55 14.83 -15.45
CA ASN B 77 -10.89 14.56 -15.95
C ASN B 77 -11.52 13.39 -15.19
N LEU B 78 -11.95 13.66 -13.97
CA LEU B 78 -12.33 12.60 -13.03
C LEU B 78 -13.59 11.83 -13.42
N ASP B 79 -14.38 12.40 -14.31
CA ASP B 79 -15.66 11.79 -14.67
C ASP B 79 -15.61 11.02 -15.99
N ASN B 80 -14.45 11.03 -16.64
CA ASN B 80 -14.29 10.34 -17.91
C ASN B 80 -13.07 9.40 -17.92
N ILE B 81 -12.80 8.77 -16.78
CA ILE B 81 -11.63 7.92 -16.63
C ILE B 81 -11.67 6.70 -17.52
N LYS B 82 -12.81 6.01 -17.51
CA LYS B 82 -13.00 4.82 -18.34
C LYS B 82 -12.58 5.09 -19.78
N LYS B 83 -13.03 6.22 -20.31
CA LYS B 83 -12.78 6.57 -21.70
C LYS B 83 -11.35 7.04 -21.94
N THR B 84 -10.83 7.83 -21.01
CA THR B 84 -9.46 8.32 -21.12
C THR B 84 -8.44 7.19 -21.25
N PHE B 85 -8.73 6.05 -20.62
CA PHE B 85 -7.78 4.95 -20.56
C PHE B 85 -8.10 3.78 -21.50
N ALA B 86 -9.02 4.00 -22.42
CA ALA B 86 -9.45 2.93 -23.33
C ALA B 86 -8.30 2.40 -24.16
N GLN B 87 -7.52 3.30 -24.76
CA GLN B 87 -6.41 2.89 -25.60
C GLN B 87 -5.33 2.17 -24.78
N LEU B 88 -5.04 2.72 -23.62
CA LEU B 88 -4.05 2.10 -22.72
C LEU B 88 -4.56 0.74 -22.25
N SER B 89 -5.88 0.62 -22.13
CA SER B 89 -6.48 -0.64 -21.71
C SER B 89 -6.19 -1.71 -22.75
N GLU B 90 -6.41 -1.37 -24.02
CA GLU B 90 -6.12 -2.27 -25.13
C GLU B 90 -4.65 -2.64 -25.14
N LEU B 91 -3.80 -1.65 -24.89
CA LEU B 91 -2.35 -1.86 -24.88
C LEU B 91 -1.90 -2.87 -23.83
N HIS B 92 -2.35 -2.68 -22.59
CA HIS B 92 -1.87 -3.52 -21.49
C HIS B 92 -2.49 -4.90 -21.52
N CYS B 93 -3.71 -5.01 -22.04
CA CYS B 93 -4.45 -6.26 -22.05
C CYS B 93 -4.20 -7.10 -23.30
N GLU B 94 -4.44 -6.54 -24.48
CA GLU B 94 -4.28 -7.30 -25.71
C GLU B 94 -2.85 -7.39 -26.24
N LYS B 95 -2.06 -6.34 -26.03
CA LYS B 95 -0.68 -6.37 -26.52
C LYS B 95 0.31 -6.88 -25.50
N LEU B 96 0.26 -6.35 -24.29
CA LEU B 96 1.25 -6.66 -23.25
C LEU B 96 0.85 -7.86 -22.39
N HIS B 97 -0.45 -8.13 -22.31
CA HIS B 97 -0.96 -9.23 -21.48
C HIS B 97 -0.50 -9.13 -20.02
N VAL B 98 -0.68 -7.95 -19.44
CA VAL B 98 -0.39 -7.75 -18.02
C VAL B 98 -1.61 -8.16 -17.23
N ASP B 99 -1.44 -9.06 -16.26
CA ASP B 99 -2.60 -9.43 -15.47
C ASP B 99 -3.08 -8.21 -14.69
N PRO B 100 -4.41 -8.00 -14.68
CA PRO B 100 -5.07 -6.84 -14.05
C PRO B 100 -4.72 -6.65 -12.58
N GLU B 101 -4.40 -7.75 -11.90
CA GLU B 101 -4.02 -7.69 -10.49
C GLU B 101 -2.85 -6.72 -10.29
N ASN B 102 -1.97 -6.64 -11.28
CA ASN B 102 -0.81 -5.78 -11.15
C ASN B 102 -1.15 -4.29 -11.25
N PHE B 103 -2.27 -3.97 -11.88
CA PHE B 103 -2.75 -2.58 -11.92
C PHE B 103 -3.07 -2.15 -10.49
N LYS B 104 -3.69 -3.06 -9.76
CA LYS B 104 -4.09 -2.79 -8.38
C LYS B 104 -2.83 -2.59 -7.53
N LEU B 105 -1.82 -3.42 -7.77
CA LEU B 105 -0.59 -3.34 -7.01
C LEU B 105 0.14 -2.03 -7.24
N LEU B 106 0.22 -1.58 -8.49
CA LEU B 106 0.86 -0.30 -8.77
C LEU B 106 0.11 0.82 -8.05
N GLY B 107 -1.22 0.75 -8.09
CA GLY B 107 -2.03 1.73 -7.39
C GLY B 107 -1.72 1.83 -5.91
N ASN B 108 -1.54 0.68 -5.25
CA ASN B 108 -1.21 0.66 -3.83
C ASN B 108 0.18 1.27 -3.58
N ILE B 109 1.11 0.99 -4.49
CA ILE B 109 2.44 1.57 -4.37
C ILE B 109 2.38 3.10 -4.45
N LEU B 110 1.57 3.60 -5.38
CA LEU B 110 1.45 5.05 -5.53
C LEU B 110 0.85 5.68 -4.27
N ILE B 111 -0.12 5.00 -3.68
CA ILE B 111 -0.70 5.50 -2.44
C ILE B 111 0.38 5.65 -1.37
N ILE B 112 1.24 4.65 -1.24
CA ILE B 112 2.31 4.70 -0.25
C ILE B 112 3.32 5.81 -0.57
N VAL B 113 3.70 5.94 -1.84
CA VAL B 113 4.63 7.00 -2.23
C VAL B 113 4.08 8.39 -1.92
N LEU B 114 2.80 8.62 -2.24
CA LEU B 114 2.18 9.92 -1.96
C LEU B 114 2.24 10.20 -0.47
N ALA B 115 2.10 9.15 0.33
CA ALA B 115 2.18 9.29 1.79
C ALA B 115 3.57 9.73 2.26
N THR B 116 4.61 9.20 1.63
CA THR B 116 5.96 9.57 2.04
C THR B 116 6.30 10.99 1.59
N HIS B 117 5.61 11.47 0.56
CA HIS B 117 5.88 12.80 0.02
C HIS B 117 5.02 13.90 0.64
N PHE B 118 3.84 13.53 1.13
CA PHE B 118 2.92 14.51 1.69
C PHE B 118 2.36 14.07 3.05
N PRO B 119 3.24 13.91 4.05
CA PRO B 119 2.85 13.40 5.37
C PRO B 119 1.67 14.16 5.98
N LYS B 120 1.65 15.47 5.80
CA LYS B 120 0.62 16.30 6.42
C LYS B 120 -0.70 16.27 5.66
N GLU B 121 -0.61 16.44 4.34
CA GLU B 121 -1.80 16.54 3.51
C GLU B 121 -2.51 15.21 3.33
N PHE B 122 -1.75 14.12 3.39
CA PHE B 122 -2.29 12.81 3.07
C PHE B 122 -2.98 12.17 4.27
N THR B 123 -4.09 12.77 4.68
CA THR B 123 -4.87 12.28 5.81
C THR B 123 -5.65 11.04 5.38
N PRO B 124 -6.25 10.34 6.35
CA PRO B 124 -7.07 9.16 6.00
C PRO B 124 -8.10 9.51 4.92
N ALA B 125 -8.72 10.67 5.05
CA ALA B 125 -9.73 11.12 4.09
C ALA B 125 -9.12 11.37 2.72
N SER B 126 -7.93 11.97 2.69
CA SER B 126 -7.23 12.17 1.42
C SER B 126 -6.89 10.82 0.79
N GLN B 127 -6.41 9.89 1.63
CA GLN B 127 -6.08 8.54 1.17
C GLN B 127 -7.31 7.87 0.56
N ALA B 128 -8.47 8.07 1.17
CA ALA B 128 -9.71 7.48 0.66
C ALA B 128 -10.01 7.95 -0.77
N ALA B 129 -9.84 9.23 -1.02
CA ALA B 129 -10.11 9.78 -2.34
C ALA B 129 -9.08 9.29 -3.36
N TRP B 130 -7.82 9.26 -2.96
CA TRP B 130 -6.77 8.81 -3.86
C TRP B 130 -6.82 7.31 -4.13
N THR B 131 -7.30 6.55 -3.16
CA THR B 131 -7.45 5.11 -3.33
C THR B 131 -8.60 4.87 -4.29
N LYS B 132 -9.65 5.67 -4.16
CA LYS B 132 -10.76 5.62 -5.10
C LYS B 132 -10.23 5.94 -6.50
N LEU B 133 -9.29 6.88 -6.57
CA LEU B 133 -8.69 7.28 -7.85
C LEU B 133 -7.91 6.13 -8.51
N VAL B 134 -6.91 5.59 -7.81
CA VAL B 134 -6.08 4.54 -8.41
C VAL B 134 -6.88 3.29 -8.72
N ASN B 135 -7.91 3.01 -7.93
CA ASN B 135 -8.77 1.87 -8.20
C ASN B 135 -9.61 2.09 -9.46
N ALA B 136 -10.02 3.34 -9.70
CA ALA B 136 -10.81 3.67 -10.88
C ALA B 136 -9.95 3.55 -12.14
N VAL B 137 -8.69 3.98 -12.05
CA VAL B 137 -7.76 3.80 -13.16
C VAL B 137 -7.47 2.31 -13.41
N ALA B 138 -7.33 1.53 -12.34
CA ALA B 138 -7.08 0.10 -12.48
C ALA B 138 -8.28 -0.59 -13.13
N HIS B 139 -9.48 -0.23 -12.69
CA HIS B 139 -10.71 -0.77 -13.23
C HIS B 139 -10.86 -0.40 -14.70
N ALA B 140 -10.57 0.86 -15.02
CA ALA B 140 -10.66 1.33 -16.40
C ALA B 140 -9.69 0.57 -17.32
N LEU B 141 -8.51 0.27 -16.81
CA LEU B 141 -7.52 -0.44 -17.60
C LEU B 141 -7.87 -1.92 -17.70
N ALA B 142 -8.63 -2.41 -16.74
CA ALA B 142 -9.03 -3.82 -16.72
C ALA B 142 -10.19 -4.11 -17.67
N LEU B 143 -10.97 -3.08 -18.01
CA LEU B 143 -12.04 -3.23 -19.00
C LEU B 143 -11.46 -3.83 -20.26
N GLY B 144 -10.17 -3.59 -20.48
CA GLY B 144 -9.52 -4.01 -21.71
C GLY B 144 -9.86 -5.43 -22.12
N TYR B 145 -10.16 -6.28 -21.14
CA TYR B 145 -10.66 -7.60 -21.48
C TYR B 145 -11.49 -8.29 -20.41
N HIS B 146 -12.54 -7.62 -19.98
CA HIS B 146 -13.51 -8.18 -19.06
C HIS B 146 -14.62 -7.14 -18.84
#